data_5D15
#
_entry.id   5D15
#
_cell.length_a   52.530
_cell.length_b   55.640
_cell.length_c   55.070
_cell.angle_alpha   90.00
_cell.angle_beta   109.79
_cell.angle_gamma   90.00
#
_symmetry.space_group_name_H-M   'P 1 21 1'
#
loop_
_entity.id
_entity.type
_entity.pdbx_description
1 polymer Cyclase
2 non-polymer "ADENOSINE-5'-TRIPHOSPHATE"
3 non-polymer 'CALCIUM ION'
4 non-polymer 1,2-ETHANEDIOL
5 water water
#
_entity_poly.entity_id   1
_entity_poly.type   'polypeptide(L)'
_entity_poly.pdbx_seq_one_letter_code
;FQGAMGSRVVILFTDIEESTALNERIGDRAWVKLISSHDKLVSDLVRRQSGHVVKSQGDGFMVAFARPEQAVRCGIELQR
ALRRNANRKRHEEIRVRIGIHMGRSVRRGDDLFGRNVAMAARVAAQAAGGEILVSQPVRDALSRSDGIRFDDGREVELKG
FSGTYRLFAVLASPDPG
;
_entity_poly.pdbx_strand_id   A,B
#
# COMPACT_ATOMS: atom_id res chain seq x y z
N ALA A 4 0.18 14.70 15.85
CA ALA A 4 1.25 14.36 14.91
C ALA A 4 2.62 14.69 15.49
N MET A 5 3.55 13.74 15.37
CA MET A 5 4.89 13.91 15.91
C MET A 5 5.94 13.73 14.82
N GLY A 6 7.14 14.23 15.10
CA GLY A 6 8.25 14.09 14.17
C GLY A 6 8.62 15.38 13.45
N SER A 7 9.46 15.25 12.43
CA SER A 7 9.92 16.39 11.67
C SER A 7 8.93 16.71 10.57
N ARG A 8 8.88 17.98 10.17
CA ARG A 8 8.04 18.40 9.06
C ARG A 8 8.60 17.81 7.78
N VAL A 9 7.72 17.18 7.00
CA VAL A 9 8.09 16.64 5.70
C VAL A 9 6.92 16.81 4.71
N VAL A 10 7.24 16.86 3.43
CA VAL A 10 6.24 16.88 2.38
C VAL A 10 6.19 15.47 1.80
N ILE A 11 5.00 14.88 1.79
CA ILE A 11 4.84 13.50 1.36
C ILE A 11 4.01 13.49 0.10
N LEU A 12 4.58 12.91 -0.95
CA LEU A 12 3.89 12.73 -2.22
C LEU A 12 3.65 11.24 -2.45
N PHE A 13 2.42 10.90 -2.84
CA PHE A 13 2.09 9.54 -3.26
C PHE A 13 1.70 9.55 -4.72
N THR A 14 2.17 8.55 -5.46
CA THR A 14 1.63 8.26 -6.79
C THR A 14 0.85 6.97 -6.76
N ASP A 15 -0.11 6.85 -7.67
CA ASP A 15 -0.83 5.61 -7.85
C ASP A 15 -1.31 5.48 -9.28
N ILE A 16 -1.13 4.31 -9.87
CA ILE A 16 -1.58 4.10 -11.23
C ILE A 16 -3.05 3.74 -11.20
N GLU A 17 -3.82 4.41 -12.04
CA GLU A 17 -5.23 4.11 -12.20
C GLU A 17 -5.45 2.73 -12.83
N GLU A 18 -6.21 1.87 -12.14
CA GLU A 18 -6.60 0.57 -12.70
C GLU A 18 -5.42 -0.22 -13.22
N SER A 19 -4.38 -0.32 -12.40
CA SER A 19 -3.20 -1.05 -12.80
C SER A 19 -3.47 -2.54 -12.94
N THR A 20 -4.39 -3.07 -12.15
CA THR A 20 -4.64 -4.50 -12.14
C THR A 20 -5.29 -4.89 -13.47
N ALA A 21 -6.30 -4.14 -13.87
CA ALA A 21 -6.94 -4.37 -15.15
C ALA A 21 -5.92 -4.26 -16.28
N LEU A 22 -5.03 -3.27 -16.18
CA LEU A 22 -3.95 -3.09 -17.16
C LEU A 22 -3.02 -4.31 -17.21
N ASN A 23 -2.58 -4.78 -16.05
CA ASN A 23 -1.76 -5.98 -15.94
C ASN A 23 -2.44 -7.15 -16.64
N GLU A 24 -3.74 -7.32 -16.36
CA GLU A 24 -4.48 -8.46 -16.89
C GLU A 24 -4.63 -8.40 -18.40
N ARG A 25 -4.69 -7.19 -18.96
CA ARG A 25 -4.89 -7.04 -20.39
C ARG A 25 -3.61 -7.31 -21.18
N ILE A 26 -2.48 -6.80 -20.70
CA ILE A 26 -1.24 -6.90 -21.46
C ILE A 26 -0.37 -8.07 -21.00
N GLY A 27 -0.66 -8.64 -19.83
CA GLY A 27 0.12 -9.75 -19.32
C GLY A 27 1.35 -9.38 -18.51
N ASP A 28 1.83 -10.34 -17.71
CA ASP A 28 2.92 -10.08 -16.77
C ASP A 28 4.20 -9.65 -17.50
N ARG A 29 4.57 -10.33 -18.58
CA ARG A 29 5.78 -9.96 -19.31
C ARG A 29 5.74 -8.46 -19.61
N ALA A 30 4.68 -8.02 -20.26
CA ALA A 30 4.55 -6.63 -20.69
C ALA A 30 4.42 -5.66 -19.51
N TRP A 31 3.70 -6.08 -18.48
CA TRP A 31 3.48 -5.24 -17.30
C TRP A 31 4.78 -4.99 -16.54
N VAL A 32 5.58 -6.03 -16.34
CA VAL A 32 6.82 -5.86 -15.58
C VAL A 32 7.74 -4.88 -16.33
N LYS A 33 7.77 -4.99 -17.65
CA LYS A 33 8.55 -4.08 -18.47
C LYS A 33 8.05 -2.66 -18.24
N LEU A 34 6.74 -2.51 -18.26
CA LEU A 34 6.12 -1.20 -18.12
C LEU A 34 6.38 -0.59 -16.73
N ILE A 35 6.24 -1.38 -15.68
CA ILE A 35 6.37 -0.81 -14.34
C ILE A 35 7.84 -0.54 -14.04
N SER A 36 8.74 -1.32 -14.63
CA SER A 36 10.17 -1.07 -14.49
C SER A 36 10.54 0.26 -15.12
N SER A 37 10.01 0.53 -16.31
N SER A 37 10.02 0.50 -16.31
CA SER A 37 10.29 1.79 -16.98
CA SER A 37 10.20 1.76 -17.02
C SER A 37 9.66 2.96 -16.22
C SER A 37 9.66 2.93 -16.21
N HIS A 38 8.46 2.74 -15.69
CA HIS A 38 7.78 3.75 -14.87
C HIS A 38 8.60 4.08 -13.64
N ASP A 39 9.12 3.06 -12.98
CA ASP A 39 9.95 3.24 -11.80
C ASP A 39 11.15 4.11 -12.10
N LYS A 40 11.85 3.86 -13.22
CA LYS A 40 13.01 4.68 -13.57
C LYS A 40 12.59 6.13 -13.83
N LEU A 41 11.46 6.32 -14.48
CA LEU A 41 10.99 7.67 -14.80
C LEU A 41 10.69 8.46 -13.51
N VAL A 42 9.94 7.84 -12.61
CA VAL A 42 9.58 8.49 -11.36
C VAL A 42 10.85 8.79 -10.57
N SER A 43 11.73 7.82 -10.43
CA SER A 43 12.96 8.01 -9.67
C SER A 43 13.76 9.16 -10.23
N ASP A 44 13.88 9.25 -11.55
N ASP A 44 13.84 9.24 -11.55
CA ASP A 44 14.62 10.34 -12.16
CA ASP A 44 14.57 10.30 -12.24
C ASP A 44 14.00 11.69 -11.82
C ASP A 44 14.01 11.67 -11.88
N LEU A 45 12.68 11.80 -11.95
CA LEU A 45 12.04 13.10 -11.77
C LEU A 45 12.04 13.51 -10.30
N VAL A 46 11.93 12.53 -9.42
CA VAL A 46 12.03 12.78 -7.99
C VAL A 46 13.38 13.40 -7.66
N ARG A 47 14.45 12.82 -8.19
CA ARG A 47 15.77 13.31 -7.89
C ARG A 47 16.00 14.72 -8.43
N ARG A 48 15.39 15.05 -9.56
CA ARG A 48 15.56 16.38 -10.12
C ARG A 48 15.04 17.47 -9.17
N GLN A 49 14.02 17.15 -8.37
CA GLN A 49 13.48 18.13 -7.42
C GLN A 49 13.96 17.84 -5.99
N SER A 50 15.06 17.12 -5.86
CA SER A 50 15.71 16.89 -4.58
C SER A 50 14.84 16.10 -3.63
N GLY A 51 14.00 15.24 -4.18
CA GLY A 51 13.20 14.33 -3.40
C GLY A 51 13.90 13.01 -3.16
N HIS A 52 13.24 12.16 -2.38
CA HIS A 52 13.75 10.84 -2.05
C HIS A 52 12.61 9.83 -2.02
N VAL A 53 12.69 8.80 -2.85
CA VAL A 53 11.69 7.73 -2.83
C VAL A 53 11.88 6.95 -1.54
N VAL A 54 10.85 6.91 -0.71
CA VAL A 54 10.91 6.19 0.54
C VAL A 54 10.63 4.74 0.25
N LYS A 55 9.57 4.48 -0.53
CA LYS A 55 9.29 3.12 -0.91
C LYS A 55 8.30 3.02 -2.07
N SER A 56 8.14 1.79 -2.55
CA SER A 56 7.16 1.47 -3.57
C SER A 56 5.97 0.74 -2.94
N GLN A 57 4.79 0.92 -3.54
CA GLN A 57 3.57 0.24 -3.10
C GLN A 57 2.93 -0.56 -4.24
N GLY A 58 3.77 -1.13 -5.10
CA GLY A 58 3.29 -1.94 -6.20
C GLY A 58 3.19 -1.14 -7.48
N ASP A 59 2.12 -0.36 -7.59
CA ASP A 59 1.93 0.46 -8.78
C ASP A 59 2.13 1.93 -8.46
N GLY A 60 2.68 2.22 -7.28
CA GLY A 60 2.99 3.58 -6.94
C GLY A 60 4.14 3.75 -5.98
N PHE A 61 4.34 4.98 -5.56
CA PHE A 61 5.46 5.33 -4.71
C PHE A 61 5.10 6.32 -3.63
N MET A 62 5.82 6.21 -2.52
N MET A 62 5.76 6.20 -2.49
CA MET A 62 5.82 7.18 -1.43
CA MET A 62 5.78 7.24 -1.47
C MET A 62 7.13 7.97 -1.46
C MET A 62 7.10 7.97 -1.52
N VAL A 63 7.02 9.29 -1.61
CA VAL A 63 8.17 10.13 -1.82
C VAL A 63 8.21 11.24 -0.80
N ALA A 64 9.38 11.53 -0.26
CA ALA A 64 9.58 12.65 0.66
C ALA A 64 10.31 13.82 0.00
N PHE A 65 9.84 15.03 0.31
CA PHE A 65 10.54 16.27 -0.07
C PHE A 65 10.65 17.20 1.13
N ALA A 66 11.63 18.07 1.12
CA ALA A 66 11.76 19.03 2.21
C ALA A 66 10.77 20.18 2.04
N ARG A 67 10.50 20.54 0.79
CA ARG A 67 9.73 21.77 0.50
C ARG A 67 8.54 21.46 -0.41
N PRO A 68 7.41 22.12 -0.17
CA PRO A 68 6.24 21.80 -0.97
C PRO A 68 6.38 22.14 -2.46
N GLU A 69 7.13 23.18 -2.81
CA GLU A 69 7.28 23.54 -4.22
C GLU A 69 8.01 22.40 -4.97
N GLN A 70 8.89 21.70 -4.29
CA GLN A 70 9.64 20.61 -4.92
C GLN A 70 8.70 19.45 -5.27
N ALA A 71 7.85 19.10 -4.31
CA ALA A 71 6.90 18.03 -4.53
C ALA A 71 5.95 18.38 -5.67
N VAL A 72 5.43 19.60 -5.69
CA VAL A 72 4.49 19.94 -6.73
C VAL A 72 5.17 19.98 -8.11
N ARG A 73 6.35 20.57 -8.22
CA ARG A 73 7.07 20.56 -9.49
C ARG A 73 7.35 19.15 -9.98
N CYS A 74 7.63 18.25 -9.05
CA CYS A 74 7.86 16.86 -9.41
C CYS A 74 6.60 16.29 -10.03
N GLY A 75 5.47 16.52 -9.37
CA GLY A 75 4.20 16.00 -9.87
C GLY A 75 3.85 16.56 -11.23
N ILE A 76 4.08 17.87 -11.41
CA ILE A 76 3.83 18.51 -12.69
C ILE A 76 4.68 17.88 -13.78
N GLU A 77 5.96 17.67 -13.51
CA GLU A 77 6.83 17.07 -14.52
C GLU A 77 6.47 15.62 -14.80
N LEU A 78 6.04 14.89 -13.78
CA LEU A 78 5.65 13.52 -13.98
C LEU A 78 4.44 13.44 -14.90
N GLN A 79 3.44 14.27 -14.62
CA GLN A 79 2.23 14.26 -15.44
C GLN A 79 2.58 14.64 -16.89
N ARG A 80 3.44 15.65 -17.06
CA ARG A 80 3.87 16.04 -18.39
C ARG A 80 4.57 14.88 -19.09
N ALA A 81 5.48 14.22 -18.37
CA ALA A 81 6.25 13.11 -18.92
C ALA A 81 5.33 11.98 -19.38
N LEU A 82 4.33 11.67 -18.57
CA LEU A 82 3.40 10.60 -18.90
C LEU A 82 2.61 10.94 -20.16
N ARG A 83 2.25 12.21 -20.33
CA ARG A 83 1.59 12.64 -21.56
C ARG A 83 2.51 12.46 -22.77
N ARG A 84 3.78 12.79 -22.61
CA ARG A 84 4.74 12.62 -23.70
C ARG A 84 4.75 11.18 -24.20
N ASN A 85 4.74 10.23 -23.27
CA ASN A 85 4.70 8.82 -23.65
C ASN A 85 3.46 8.51 -24.47
N GLU A 93 -1.41 2.65 -22.26
CA GLU A 93 -1.35 3.96 -21.60
C GLU A 93 -1.55 3.83 -20.10
N ILE A 94 -0.80 4.62 -19.33
CA ILE A 94 -0.95 4.64 -17.88
C ILE A 94 -1.24 6.06 -17.40
N ARG A 95 -2.27 6.16 -16.57
CA ARG A 95 -2.65 7.40 -15.92
C ARG A 95 -2.30 7.27 -14.46
N VAL A 96 -1.80 8.34 -13.87
N VAL A 96 -1.76 8.33 -13.86
CA VAL A 96 -1.36 8.31 -12.49
CA VAL A 96 -1.37 8.27 -12.46
C VAL A 96 -2.08 9.37 -11.67
C VAL A 96 -2.04 9.36 -11.66
N ARG A 97 -2.51 8.99 -10.48
CA ARG A 97 -2.98 9.94 -9.51
C ARG A 97 -1.84 10.39 -8.65
N ILE A 98 -1.85 11.66 -8.24
CA ILE A 98 -0.79 12.20 -7.39
C ILE A 98 -1.43 13.03 -6.30
N GLY A 99 -1.06 12.75 -5.07
CA GLY A 99 -1.52 13.49 -3.91
C GLY A 99 -0.34 13.94 -3.07
N ILE A 100 -0.46 15.15 -2.54
CA ILE A 100 0.64 15.75 -1.76
C ILE A 100 0.06 16.34 -0.48
N HIS A 101 0.71 16.04 0.64
CA HIS A 101 0.36 16.59 1.93
C HIS A 101 1.66 16.95 2.64
N MET A 102 1.57 17.80 3.65
N MET A 102 1.59 17.77 3.66
CA MET A 102 2.73 18.12 4.47
CA MET A 102 2.76 18.01 4.48
C MET A 102 2.33 18.18 5.93
C MET A 102 2.36 18.26 5.93
N GLY A 103 3.28 17.89 6.80
CA GLY A 103 3.05 17.92 8.23
C GLY A 103 4.18 17.14 8.87
N ARG A 104 4.11 17.01 10.19
CA ARG A 104 5.10 16.26 10.94
C ARG A 104 4.83 14.77 10.80
N SER A 105 5.89 14.00 10.60
N SER A 105 5.90 14.01 10.59
N SER A 105 5.89 14.00 10.61
CA SER A 105 5.85 12.56 10.55
CA SER A 105 5.85 12.55 10.49
CA SER A 105 5.78 12.55 10.63
C SER A 105 7.08 12.03 11.26
C SER A 105 7.12 11.97 11.08
C SER A 105 7.11 11.95 11.07
N VAL A 106 7.01 10.82 11.76
CA VAL A 106 8.17 10.20 12.37
C VAL A 106 9.00 9.46 11.34
N ARG A 107 10.29 9.78 11.27
CA ARG A 107 11.16 9.21 10.24
C ARG A 107 12.13 8.26 10.91
N ARG A 108 11.88 6.94 10.80
CA ARG A 108 12.61 5.91 11.53
C ARG A 108 12.94 4.76 10.60
N GLY A 109 14.19 4.30 10.61
N GLY A 109 14.14 4.23 10.77
CA GLY A 109 14.58 3.18 9.77
CA GLY A 109 14.77 3.52 9.71
C GLY A 109 14.25 3.30 8.28
C GLY A 109 14.69 4.54 8.60
N ASP A 110 14.49 4.46 7.71
N ASP A 110 14.44 4.07 7.39
CA ASP A 110 14.29 4.68 6.27
CA ASP A 110 14.30 4.95 6.25
C ASP A 110 12.82 4.56 5.91
C ASP A 110 12.83 5.13 5.91
N ASP A 111 11.94 4.87 6.86
CA ASP A 111 10.50 4.90 6.62
C ASP A 111 9.85 6.11 7.29
N LEU A 112 8.62 6.42 6.91
CA LEU A 112 7.84 7.49 7.53
C LEU A 112 6.59 6.91 8.17
N PHE A 113 6.27 7.38 9.37
CA PHE A 113 5.12 6.85 10.09
C PHE A 113 4.26 7.99 10.59
N GLY A 114 2.97 7.74 10.67
CA GLY A 114 2.09 8.62 11.40
C GLY A 114 0.91 9.03 10.59
N ARG A 115 0.03 9.78 11.24
CA ARG A 115 -1.24 10.12 10.64
C ARG A 115 -1.09 10.94 9.37
N ASN A 116 -0.03 11.74 9.26
CA ASN A 116 0.14 12.54 8.05
C ASN A 116 0.61 11.72 6.85
N VAL A 117 1.19 10.55 7.09
CA VAL A 117 1.45 9.59 6.04
C VAL A 117 0.15 9.07 5.47
N ALA A 118 -0.72 8.60 6.37
CA ALA A 118 -2.04 8.11 5.99
C ALA A 118 -2.83 9.22 5.27
N MET A 119 -2.75 10.44 5.77
CA MET A 119 -3.46 11.55 5.13
CA MET A 119 -3.46 11.54 5.13
C MET A 119 -2.95 11.77 3.71
N ALA A 120 -1.63 11.76 3.51
CA ALA A 120 -1.09 11.94 2.16
C ALA A 120 -1.62 10.84 1.23
N ALA A 121 -1.68 9.60 1.71
CA ALA A 121 -2.19 8.52 0.88
C ALA A 121 -3.63 8.74 0.50
N ARG A 122 -4.42 9.20 1.46
CA ARG A 122 -5.83 9.47 1.18
C ARG A 122 -6.02 10.60 0.18
N VAL A 123 -5.19 11.64 0.26
CA VAL A 123 -5.24 12.71 -0.72
C VAL A 123 -4.95 12.17 -2.11
N ALA A 124 -3.94 11.33 -2.23
CA ALA A 124 -3.66 10.76 -3.54
C ALA A 124 -4.81 9.87 -4.04
N ALA A 125 -5.45 9.14 -3.13
CA ALA A 125 -6.55 8.25 -3.52
C ALA A 125 -7.77 9.03 -4.04
N GLN A 126 -7.87 10.29 -3.62
CA GLN A 126 -8.97 11.17 -4.07
C GLN A 126 -8.73 11.78 -5.44
N ALA A 127 -7.48 11.79 -5.87
CA ALA A 127 -7.11 12.40 -7.13
C ALA A 127 -7.59 11.56 -8.29
N ALA A 128 -7.98 12.24 -9.36
CA ALA A 128 -8.28 11.59 -10.62
C ALA A 128 -6.97 11.21 -11.29
N GLY A 129 -7.02 10.23 -12.19
CA GLY A 129 -5.86 9.94 -13.02
C GLY A 129 -5.54 11.20 -13.82
N GLY A 130 -4.27 11.56 -13.85
CA GLY A 130 -3.84 12.78 -14.54
C GLY A 130 -3.84 14.02 -13.66
N GLU A 131 -4.38 13.90 -12.46
CA GLU A 131 -4.52 15.02 -11.52
C GLU A 131 -3.45 15.03 -10.43
N ILE A 132 -3.09 16.23 -9.98
CA ILE A 132 -2.28 16.46 -8.79
C ILE A 132 -3.14 17.14 -7.76
N LEU A 133 -3.43 16.45 -6.65
CA LEU A 133 -4.20 17.03 -5.56
C LEU A 133 -3.33 17.33 -4.36
N VAL A 134 -3.53 18.49 -3.74
CA VAL A 134 -2.77 18.81 -2.53
C VAL A 134 -3.72 19.20 -1.40
N SER A 135 -3.26 18.96 -0.18
CA SER A 135 -4.02 19.38 0.99
C SER A 135 -3.92 20.88 1.23
N GLN A 136 -4.77 21.38 2.11
N GLN A 136 -4.75 21.41 2.11
CA GLN A 136 -4.80 22.80 2.43
CA GLN A 136 -4.76 22.84 2.33
C GLN A 136 -3.44 23.30 2.89
C GLN A 136 -3.42 23.34 2.90
N PRO A 137 -2.75 22.55 3.77
CA PRO A 137 -1.46 23.09 4.24
C PRO A 137 -0.45 23.29 3.10
N VAL A 138 -0.48 22.41 2.11
CA VAL A 138 0.40 22.54 0.94
C VAL A 138 0.02 23.76 0.12
N ARG A 139 -1.27 23.91 -0.17
CA ARG A 139 -1.79 25.05 -0.88
C ARG A 139 -1.38 26.34 -0.20
N ASP A 140 -1.54 26.39 1.12
CA ASP A 140 -1.30 27.63 1.86
C ASP A 140 0.17 28.01 1.84
N ALA A 141 1.03 27.00 1.74
CA ALA A 141 2.49 27.22 1.79
C ALA A 141 3.05 27.70 0.45
N LEU A 142 2.27 27.57 -0.61
CA LEU A 142 2.69 27.98 -1.95
C LEU A 142 2.01 29.27 -2.42
N ARG A 144 1.53 32.13 -6.19
CA ARG A 144 1.97 32.38 -7.55
C ARG A 144 3.44 32.79 -7.57
N SER A 145 3.99 33.05 -6.39
CA SER A 145 5.37 33.51 -6.26
C SER A 145 6.36 32.47 -6.80
N ASP A 146 5.95 31.20 -6.79
CA ASP A 146 6.84 30.13 -7.19
C ASP A 146 6.27 29.34 -8.38
N GLY A 147 5.43 30.01 -9.16
CA GLY A 147 4.99 29.49 -10.43
C GLY A 147 3.88 28.44 -10.42
N ILE A 148 3.08 28.39 -9.35
CA ILE A 148 2.07 27.33 -9.22
C ILE A 148 0.65 27.90 -9.02
N ARG A 149 -0.31 27.34 -9.76
CA ARG A 149 -1.69 27.78 -9.72
C ARG A 149 -2.61 26.63 -9.31
N PHE A 150 -3.67 26.95 -8.58
CA PHE A 150 -4.62 25.96 -8.06
C PHE A 150 -6.07 26.32 -8.37
N ASP A 151 -6.93 25.32 -8.35
CA ASP A 151 -8.36 25.54 -8.42
C ASP A 151 -8.85 26.01 -7.05
N ASP A 152 -10.17 26.12 -6.88
CA ASP A 152 -10.71 26.66 -5.64
C ASP A 152 -10.92 25.60 -4.57
N GLY A 153 -10.53 24.37 -4.87
CA GLY A 153 -10.66 23.30 -3.90
C GLY A 153 -12.00 22.60 -3.91
N ARG A 154 -11.99 21.40 -3.34
CA ARG A 154 -13.21 20.63 -3.13
C ARG A 154 -13.14 19.98 -1.75
N GLU A 155 -14.29 19.91 -1.07
CA GLU A 155 -14.33 19.41 0.29
C GLU A 155 -14.76 17.97 0.25
N VAL A 156 -13.97 17.12 0.90
CA VAL A 156 -14.22 15.69 0.88
C VAL A 156 -14.04 15.11 2.28
N GLU A 157 -14.68 13.97 2.52
CA GLU A 157 -14.36 13.16 3.68
C GLU A 157 -13.27 12.17 3.30
N LEU A 158 -12.38 11.94 4.26
CA LEU A 158 -11.28 10.99 4.08
C LEU A 158 -11.37 9.87 5.10
N LYS A 159 -11.29 8.63 4.61
CA LYS A 159 -11.42 7.47 5.46
C LYS A 159 -10.46 7.50 6.65
N GLY A 160 -11.00 7.35 7.85
CA GLY A 160 -10.18 7.27 9.06
C GLY A 160 -10.01 8.59 9.78
N PHE A 161 -10.41 9.68 9.12
CA PHE A 161 -10.31 11.03 9.69
C PHE A 161 -11.66 11.66 9.91
N SER A 162 -11.80 12.46 10.97
N SER A 162 -11.80 12.44 10.97
CA SER A 162 -13.10 13.07 11.28
CA SER A 162 -13.08 13.08 11.25
C SER A 162 -13.30 14.40 10.55
C SER A 162 -13.28 14.29 10.34
N GLY A 163 -14.54 14.67 10.14
CA GLY A 163 -14.84 15.89 9.39
C GLY A 163 -14.42 15.90 7.91
N THR A 164 -14.23 17.10 7.34
CA THR A 164 -13.96 17.25 5.92
C THR A 164 -12.65 18.00 5.67
N TYR A 165 -12.12 17.84 4.48
CA TYR A 165 -10.84 18.38 4.12
C TYR A 165 -10.97 18.99 2.71
N ARG A 166 -10.44 20.19 2.53
CA ARG A 166 -10.44 20.87 1.25
C ARG A 166 -9.16 20.51 0.50
N LEU A 167 -9.32 19.90 -0.68
CA LEU A 167 -8.20 19.46 -1.51
C LEU A 167 -8.18 20.27 -2.79
N PHE A 168 -6.99 20.70 -3.19
CA PHE A 168 -6.82 21.63 -4.30
C PHE A 168 -6.09 21.00 -5.47
N ALA A 169 -6.62 21.09 -6.68
CA ALA A 169 -5.92 20.61 -7.86
C ALA A 169 -4.97 21.66 -8.38
N VAL A 170 -3.79 21.18 -8.78
CA VAL A 170 -2.80 22.00 -9.47
C VAL A 170 -3.26 22.24 -10.89
N LEU A 171 -3.32 23.51 -11.25
CA LEU A 171 -3.62 23.90 -12.63
C LEU A 171 -2.31 24.19 -13.36
N ALA A 172 -1.85 23.25 -14.19
CA ALA A 172 -0.57 23.40 -14.89
C ALA A 172 -0.78 23.91 -16.31
N SER A 173 0.23 24.59 -16.85
CA SER A 173 0.16 25.18 -18.19
C SER A 173 -0.21 24.12 -19.24
N MET B 5 5.86 -17.44 -17.00
CA MET B 5 6.63 -16.28 -16.57
C MET B 5 6.62 -16.14 -15.06
N GLY B 6 7.81 -16.13 -14.47
CA GLY B 6 7.94 -15.95 -13.04
C GLY B 6 8.10 -17.25 -12.28
N SER B 7 8.59 -17.16 -11.05
CA SER B 7 8.74 -18.32 -10.17
C SER B 7 7.48 -18.51 -9.34
N ARG B 8 7.09 -19.76 -9.13
CA ARG B 8 5.95 -20.04 -8.28
C ARG B 8 6.21 -19.68 -6.83
N VAL B 9 5.24 -19.01 -6.20
CA VAL B 9 5.40 -18.57 -4.83
C VAL B 9 4.03 -18.43 -4.17
N VAL B 10 4.02 -18.49 -2.84
CA VAL B 10 2.82 -18.24 -2.04
C VAL B 10 2.96 -16.88 -1.40
N ILE B 11 1.97 -16.03 -1.66
CA ILE B 11 2.01 -14.66 -1.18
C ILE B 11 0.94 -14.46 -0.14
N LEU B 12 1.36 -13.92 1.00
CA LEU B 12 0.47 -13.57 2.08
C LEU B 12 0.52 -12.06 2.29
N PHE B 13 -0.64 -11.44 2.36
CA PHE B 13 -0.77 -10.03 2.72
C PHE B 13 -1.47 -9.94 4.06
N THR B 14 -1.01 -9.00 4.89
CA THR B 14 -1.70 -8.62 6.11
C THR B 14 -2.08 -7.17 5.97
N ASP B 15 -3.18 -6.79 6.62
CA ASP B 15 -3.61 -5.40 6.71
C ASP B 15 -4.35 -5.16 8.03
N ILE B 16 -4.02 -4.10 8.75
CA ILE B 16 -4.74 -3.79 9.99
C ILE B 16 -6.04 -3.12 9.64
N GLU B 17 -7.10 -3.59 10.30
CA GLU B 17 -8.43 -3.02 10.15
C GLU B 17 -8.51 -1.63 10.79
N GLU B 18 -8.96 -0.64 10.02
CA GLU B 18 -9.21 0.72 10.51
C GLU B 18 -7.98 1.29 11.23
N SER B 19 -6.81 1.15 10.62
CA SER B 19 -5.58 1.59 11.27
C SER B 19 -5.50 3.11 11.34
N THR B 20 -6.09 3.80 10.37
CA THR B 20 -6.01 5.26 10.36
C THR B 20 -6.80 5.82 11.53
N ALA B 21 -8.00 5.30 11.75
CA ALA B 21 -8.77 5.75 12.90
C ALA B 21 -8.05 5.45 14.20
N LEU B 22 -7.38 4.29 14.26
CA LEU B 22 -6.61 3.91 15.44
C LEU B 22 -5.49 4.89 15.69
N ASN B 23 -4.71 5.16 14.65
CA ASN B 23 -3.62 6.14 14.71
C ASN B 23 -4.15 7.49 15.21
N GLU B 24 -5.27 7.94 14.67
CA GLU B 24 -5.86 9.23 15.10
C GLU B 24 -6.30 9.21 16.55
N ARG B 25 -6.84 8.09 17.00
CA ARG B 25 -7.26 7.97 18.39
C ARG B 25 -6.06 8.08 19.32
N ILE B 26 -5.02 7.28 19.06
CA ILE B 26 -4.00 7.04 20.08
C ILE B 26 -2.84 8.01 19.94
N GLY B 27 -2.75 8.64 18.77
CA GLY B 27 -1.71 9.62 18.50
C GLY B 27 -0.47 8.94 17.93
N ASP B 28 0.35 9.74 17.26
CA ASP B 28 1.51 9.20 16.58
C ASP B 28 2.52 8.54 17.51
N ARG B 29 2.74 9.05 18.71
CA ARG B 29 3.75 8.43 19.58
C ARG B 29 3.38 6.99 19.89
N ALA B 30 2.13 6.79 20.29
CA ALA B 30 1.64 5.47 20.63
C ALA B 30 1.58 4.57 19.40
N TRP B 31 1.21 5.17 18.27
CA TRP B 31 1.11 4.42 17.02
C TRP B 31 2.45 3.86 16.59
N VAL B 32 3.50 4.68 16.61
CA VAL B 32 4.81 4.20 16.20
C VAL B 32 5.26 3.03 17.08
N LYS B 33 5.00 3.11 18.37
CA LYS B 33 5.31 2.03 19.28
C LYS B 33 4.51 0.78 18.94
N LEU B 34 3.20 0.94 18.72
CA LEU B 34 2.34 -0.17 18.36
C LEU B 34 2.81 -0.83 17.07
N ILE B 35 3.10 -0.04 16.05
CA ILE B 35 3.41 -0.61 14.75
C ILE B 35 4.80 -1.27 14.80
N SER B 36 5.73 -0.68 15.55
N SER B 36 5.73 -0.70 15.56
CA SER B 36 7.04 -1.31 15.76
CA SER B 36 7.03 -1.35 15.75
C SER B 36 6.87 -2.71 16.34
C SER B 36 6.90 -2.73 16.41
N SER B 37 6.10 -2.82 17.42
N SER B 37 6.07 -2.83 17.46
CA SER B 37 5.87 -4.11 18.07
CA SER B 37 5.82 -4.10 18.11
C SER B 37 5.19 -5.10 17.12
C SER B 37 5.17 -5.10 17.16
N HIS B 38 4.22 -4.61 16.37
CA HIS B 38 3.50 -5.43 15.40
C HIS B 38 4.46 -5.94 14.33
N ASP B 39 5.32 -5.06 13.84
CA ASP B 39 6.30 -5.43 12.83
C ASP B 39 7.17 -6.58 13.34
N LYS B 40 7.59 -6.49 14.59
CA LYS B 40 8.47 -7.50 15.15
C LYS B 40 7.72 -8.80 15.31
N LEU B 41 6.45 -8.72 15.66
CA LEU B 41 5.64 -9.92 15.86
C LEU B 41 5.49 -10.66 14.52
N VAL B 42 5.08 -9.93 13.49
CA VAL B 42 4.94 -10.51 12.16
C VAL B 42 6.25 -11.08 11.67
N SER B 43 7.32 -10.30 11.76
CA SER B 43 8.62 -10.75 11.31
C SER B 43 9.04 -12.06 11.98
N ASP B 44 8.88 -12.13 13.29
CA ASP B 44 9.25 -13.34 14.02
C ASP B 44 8.44 -14.53 13.53
N LEU B 45 7.13 -14.38 13.44
CA LEU B 45 6.30 -15.51 13.09
C LEU B 45 6.53 -15.96 11.66
N VAL B 46 6.81 -15.01 10.76
CA VAL B 46 7.15 -15.34 9.37
C VAL B 46 8.42 -16.18 9.35
N ARG B 47 9.44 -15.72 10.04
CA ARG B 47 10.72 -16.43 10.08
C ARG B 47 10.55 -17.87 10.57
N ARG B 48 9.62 -18.09 11.49
CA ARG B 48 9.39 -19.43 12.03
C ARG B 48 8.81 -20.40 11.01
N GLN B 49 8.08 -19.87 10.03
CA GLN B 49 7.49 -20.70 8.98
C GLN B 49 8.33 -20.58 7.72
N SER B 50 9.59 -20.21 7.90
CA SER B 50 10.57 -20.12 6.82
C SER B 50 10.10 -19.20 5.70
N GLY B 51 9.34 -18.18 6.06
CA GLY B 51 8.91 -17.20 5.09
C GLY B 51 9.86 -16.02 5.00
N HIS B 52 9.52 -15.09 4.11
CA HIS B 52 10.31 -13.90 3.89
C HIS B 52 9.40 -12.68 3.78
N VAL B 53 9.59 -11.69 4.65
CA VAL B 53 8.87 -10.43 4.51
C VAL B 53 9.45 -9.72 3.31
N VAL B 54 8.62 -9.48 2.31
CA VAL B 54 9.08 -8.79 1.11
C VAL B 54 9.05 -7.29 1.35
N LYS B 55 7.99 -6.78 1.96
CA LYS B 55 7.91 -5.37 2.28
C LYS B 55 6.75 -5.04 3.20
N SER B 56 6.79 -3.82 3.74
CA SER B 56 5.71 -3.31 4.58
C SER B 56 5.01 -2.15 3.88
N GLN B 57 3.75 -1.93 4.25
CA GLN B 57 2.97 -0.81 3.73
C GLN B 57 2.24 -0.10 4.87
N GLY B 58 3.00 0.28 5.90
CA GLY B 58 2.46 1.07 6.99
C GLY B 58 1.78 0.21 8.04
N ASP B 59 0.57 -0.24 7.72
CA ASP B 59 -0.19 -1.07 8.62
C ASP B 59 -0.28 -2.49 8.09
N GLY B 60 0.52 -2.82 7.07
CA GLY B 60 0.49 -4.17 6.53
C GLY B 60 1.79 -4.66 5.91
N PHE B 61 1.83 -5.94 5.58
CA PHE B 61 3.02 -6.59 5.00
C PHE B 61 2.67 -7.49 3.84
N MET B 62 3.61 -7.57 2.90
CA MET B 62 3.62 -8.61 1.87
C MET B 62 4.67 -9.63 2.23
N VAL B 63 4.28 -10.89 2.28
CA VAL B 63 5.17 -11.97 2.74
C VAL B 63 5.17 -13.11 1.74
N ALA B 64 6.33 -13.71 1.52
CA ALA B 64 6.44 -14.80 0.57
C ALA B 64 6.82 -16.11 1.27
N PHE B 65 6.20 -17.21 0.84
CA PHE B 65 6.53 -18.56 1.32
C PHE B 65 6.69 -19.48 0.13
N ALA B 66 7.44 -20.57 0.32
CA ALA B 66 7.56 -21.57 -0.72
C ALA B 66 6.34 -22.49 -0.80
N ARG B 67 5.79 -22.84 0.36
CA ARG B 67 4.70 -23.80 0.45
C ARG B 67 3.45 -23.19 1.06
N PRO B 68 2.26 -23.57 0.56
CA PRO B 68 1.06 -22.95 1.09
C PRO B 68 0.81 -23.29 2.56
N GLU B 69 1.24 -24.46 3.01
CA GLU B 69 1.04 -24.84 4.40
C GLU B 69 1.76 -23.90 5.35
N GLN B 70 2.93 -23.40 4.93
CA GLN B 70 3.72 -22.47 5.73
C GLN B 70 3.01 -21.13 5.88
N ALA B 71 2.43 -20.63 4.79
CA ALA B 71 1.69 -19.38 4.79
C ALA B 71 0.48 -19.48 5.72
N VAL B 72 -0.24 -20.61 5.66
CA VAL B 72 -1.45 -20.74 6.45
C VAL B 72 -1.09 -20.89 7.92
N ARG B 73 -0.11 -21.72 8.22
CA ARG B 73 0.37 -21.87 9.60
C ARG B 73 0.79 -20.52 10.17
N CYS B 74 1.47 -19.70 9.36
CA CYS B 74 1.89 -18.39 9.81
C CYS B 74 0.67 -17.52 10.15
N GLY B 75 -0.29 -17.46 9.23
CA GLY B 75 -1.50 -16.71 9.49
C GLY B 75 -2.21 -17.16 10.75
N ILE B 76 -2.30 -18.48 10.94
CA ILE B 76 -2.97 -19.04 12.10
C ILE B 76 -2.27 -18.56 13.35
N GLU B 77 -0.95 -18.64 13.37
CA GLU B 77 -0.18 -18.23 14.53
C GLU B 77 -0.32 -16.74 14.77
N LEU B 78 -0.35 -15.93 13.72
CA LEU B 78 -0.47 -14.49 13.88
C LEU B 78 -1.83 -14.15 14.50
N GLN B 79 -2.92 -14.74 14.00
CA GLN B 79 -4.23 -14.45 14.55
C GLN B 79 -4.30 -14.86 16.02
N ARG B 80 -3.71 -16.02 16.34
CA ARG B 80 -3.66 -16.50 17.72
C ARG B 80 -2.94 -15.50 18.60
N ALA B 81 -1.78 -15.02 18.14
CA ALA B 81 -0.99 -14.07 18.90
C ALA B 81 -1.73 -12.76 19.09
N LEU B 82 -2.38 -12.28 18.04
CA LEU B 82 -3.16 -11.04 18.15
C LEU B 82 -4.30 -11.22 19.15
N ARG B 83 -4.90 -12.40 19.18
CA ARG B 83 -5.96 -12.64 20.16
C ARG B 83 -5.40 -12.60 21.58
N ARG B 84 -4.21 -13.19 21.77
CA ARG B 84 -3.55 -13.20 23.06
C ARG B 84 -3.20 -11.78 23.52
N ASN B 85 -2.66 -10.98 22.61
CA ASN B 85 -2.30 -9.59 22.93
C ASN B 85 -3.53 -8.81 23.35
N ALA B 86 -4.65 -9.04 22.67
CA ALA B 86 -5.88 -8.27 22.90
C ALA B 86 -6.30 -8.26 24.38
N ASN B 87 -5.67 -9.13 25.18
CA ASN B 87 -5.87 -9.12 26.62
C ASN B 87 -4.73 -8.40 27.33
N GLU B 93 -6.78 -2.28 20.88
CA GLU B 93 -6.75 -3.62 20.30
C GLU B 93 -6.59 -3.56 18.78
N ILE B 94 -5.95 -4.58 18.23
CA ILE B 94 -5.58 -4.60 16.82
C ILE B 94 -6.15 -5.85 16.13
N ARG B 95 -6.98 -5.62 15.11
CA ARG B 95 -7.48 -6.72 14.27
C ARG B 95 -6.81 -6.67 12.91
N VAL B 96 -6.40 -7.81 12.40
CA VAL B 96 -5.71 -7.88 11.13
C VAL B 96 -6.46 -8.79 10.18
N ARG B 97 -6.56 -8.38 8.92
N ARG B 97 -6.53 -8.38 8.91
CA ARG B 97 -7.06 -9.27 7.88
CA ARG B 97 -7.05 -9.24 7.85
C ARG B 97 -5.88 -9.88 7.14
C ARG B 97 -5.89 -9.86 7.08
N ILE B 98 -6.05 -11.12 6.68
CA ILE B 98 -5.00 -11.85 6.03
C ILE B 98 -5.54 -12.51 4.78
N GLY B 99 -4.81 -12.40 3.67
CA GLY B 99 -5.17 -13.09 2.46
C GLY B 99 -3.98 -13.85 1.92
N ILE B 100 -4.25 -15.01 1.35
CA ILE B 100 -3.18 -15.86 0.83
C ILE B 100 -3.54 -16.33 -0.57
N HIS B 101 -2.60 -16.20 -1.50
CA HIS B 101 -2.79 -16.71 -2.85
C HIS B 101 -1.48 -17.30 -3.32
N MET B 102 -1.51 -18.16 -4.31
CA MET B 102 -0.28 -18.71 -4.87
C MET B 102 -0.28 -18.72 -6.39
N GLY B 103 0.91 -18.65 -6.96
CA GLY B 103 1.06 -18.66 -8.40
C GLY B 103 2.41 -18.09 -8.78
N ARG B 104 2.68 -17.94 -10.08
CA ARG B 104 3.93 -17.38 -10.52
C ARG B 104 3.91 -15.86 -10.38
N SER B 105 5.04 -15.31 -9.98
N SER B 105 5.05 -15.32 -9.99
CA SER B 105 5.20 -13.87 -9.94
CA SER B 105 5.22 -13.88 -9.88
C SER B 105 6.66 -13.54 -10.20
C SER B 105 6.66 -13.54 -10.22
N VAL B 106 6.89 -12.30 -10.62
CA VAL B 106 8.22 -11.87 -11.03
C VAL B 106 8.94 -11.16 -9.90
N ARG B 107 10.16 -11.60 -9.60
CA ARG B 107 10.99 -10.93 -8.62
C ARG B 107 11.71 -9.73 -9.25
N ARG B 108 11.69 -8.60 -8.55
CA ARG B 108 12.53 -7.47 -8.93
C ARG B 108 13.03 -6.83 -7.66
N GLY B 109 14.32 -6.98 -7.41
CA GLY B 109 14.92 -6.53 -6.17
C GLY B 109 14.28 -7.24 -4.99
N ASP B 110 13.80 -6.45 -4.05
CA ASP B 110 13.15 -6.97 -2.84
C ASP B 110 11.64 -6.82 -2.97
N ASP B 111 11.13 -7.06 -4.17
CA ASP B 111 9.72 -6.90 -4.44
C ASP B 111 9.23 -8.01 -5.37
N LEU B 112 7.90 -8.15 -5.41
CA LEU B 112 7.24 -9.04 -6.34
C LEU B 112 6.23 -8.28 -7.20
N PHE B 113 6.15 -8.70 -8.45
CA PHE B 113 5.27 -8.07 -9.43
C PHE B 113 4.52 -9.11 -10.25
N GLY B 114 3.32 -8.74 -10.66
CA GLY B 114 2.51 -9.57 -11.52
C GLY B 114 1.11 -9.70 -11.01
N ARG B 115 0.26 -10.29 -11.83
CA ARG B 115 -1.16 -10.33 -11.53
C ARG B 115 -1.42 -11.16 -10.28
N ASN B 116 -0.58 -12.14 -9.96
CA ASN B 116 -0.85 -12.97 -8.79
C ASN B 116 -0.48 -12.22 -7.50
N VAL B 117 0.32 -11.16 -7.62
CA VAL B 117 0.60 -10.33 -6.47
C VAL B 117 -0.62 -9.46 -6.19
N ALA B 118 -1.14 -8.84 -7.24
CA ALA B 118 -2.35 -8.05 -7.13
C ALA B 118 -3.49 -8.91 -6.60
N MET B 119 -3.58 -10.16 -7.07
CA MET B 119 -4.64 -11.08 -6.66
CA MET B 119 -4.67 -11.02 -6.65
C MET B 119 -4.56 -11.35 -5.17
N ALA B 120 -3.35 -11.64 -4.70
CA ALA B 120 -3.16 -11.90 -3.28
C ALA B 120 -3.60 -10.70 -2.46
N ALA B 121 -3.32 -9.50 -2.96
CA ALA B 121 -3.68 -8.32 -2.19
C ALA B 121 -5.18 -8.19 -2.13
N ARG B 122 -5.86 -8.50 -3.23
CA ARG B 122 -7.30 -8.33 -3.25
C ARG B 122 -8.01 -9.41 -2.44
N VAL B 123 -7.40 -10.59 -2.33
CA VAL B 123 -7.90 -11.65 -1.43
C VAL B 123 -7.85 -11.14 0.03
N ALA B 124 -6.74 -10.54 0.42
CA ALA B 124 -6.61 -9.98 1.77
C ALA B 124 -7.66 -8.88 2.01
N ALA B 125 -7.90 -8.09 0.98
CA ALA B 125 -8.82 -6.95 1.10
C ALA B 125 -10.24 -7.44 1.34
N GLN B 126 -10.51 -8.67 0.93
CA GLN B 126 -11.84 -9.26 1.11
C GLN B 126 -12.05 -9.76 2.53
N ALA B 127 -10.97 -10.03 3.24
CA ALA B 127 -11.06 -10.67 4.55
C ALA B 127 -11.49 -9.66 5.61
N ALA B 128 -12.26 -10.15 6.57
CA ALA B 128 -12.57 -9.35 7.75
C ALA B 128 -11.39 -9.31 8.70
N GLY B 129 -11.36 -8.32 9.57
CA GLY B 129 -10.45 -8.32 10.69
C GLY B 129 -10.65 -9.61 11.47
N GLY B 130 -9.53 -10.28 11.75
CA GLY B 130 -9.54 -11.55 12.47
C GLY B 130 -9.60 -12.78 11.58
N GLU B 131 -9.78 -12.56 10.27
CA GLU B 131 -10.05 -13.65 9.35
C GLU B 131 -8.85 -13.93 8.46
N ILE B 132 -8.66 -15.20 8.09
CA ILE B 132 -7.71 -15.59 7.06
C ILE B 132 -8.45 -16.12 5.85
N LEU B 133 -8.34 -15.46 4.70
CA LEU B 133 -8.93 -15.96 3.46
C LEU B 133 -7.82 -16.45 2.54
N VAL B 134 -8.12 -17.57 1.86
CA VAL B 134 -7.24 -18.09 0.83
C VAL B 134 -8.01 -18.27 -0.47
N SER B 135 -7.30 -18.12 -1.59
CA SER B 135 -7.87 -18.37 -2.90
C SER B 135 -8.09 -19.86 -3.12
N GLN B 136 -8.85 -20.17 -4.15
CA GLN B 136 -9.18 -21.57 -4.39
C GLN B 136 -7.93 -22.40 -4.68
N PRO B 137 -6.93 -21.85 -5.39
CA PRO B 137 -5.77 -22.72 -5.59
C PRO B 137 -5.08 -23.11 -4.27
N VAL B 138 -5.09 -22.21 -3.29
CA VAL B 138 -4.48 -22.52 -2.00
C VAL B 138 -5.33 -23.57 -1.28
N ARG B 139 -6.65 -23.40 -1.26
CA ARG B 139 -7.50 -24.39 -0.60
C ARG B 139 -7.31 -25.75 -1.25
N ASP B 140 -7.31 -25.79 -2.58
CA ASP B 140 -7.18 -27.05 -3.30
C ASP B 140 -5.86 -27.73 -2.99
N ALA B 141 -4.80 -26.94 -2.86
CA ALA B 141 -3.47 -27.48 -2.58
C ALA B 141 -3.39 -28.08 -1.19
N LEU B 142 -4.30 -27.63 -0.32
CA LEU B 142 -4.32 -28.06 1.07
C LEU B 142 -5.55 -28.91 1.34
N SER B 143 -6.04 -29.56 0.30
CA SER B 143 -7.24 -30.38 0.39
C SER B 143 -6.96 -31.64 1.20
N ARG B 144 -5.72 -32.10 1.19
CA ARG B 144 -5.35 -33.33 1.88
C ARG B 144 -4.57 -33.09 3.17
N SER B 145 -4.60 -31.86 3.68
CA SER B 145 -3.92 -31.55 4.95
C SER B 145 -4.69 -32.18 6.11
N ASP B 146 -3.94 -32.60 7.12
CA ASP B 146 -4.53 -33.29 8.27
C ASP B 146 -4.92 -32.32 9.39
N GLY B 147 -4.42 -31.09 9.32
CA GLY B 147 -4.63 -30.13 10.39
C GLY B 147 -5.23 -28.81 9.96
N ILE B 148 -5.37 -28.61 8.67
CA ILE B 148 -5.88 -27.33 8.14
C ILE B 148 -7.29 -27.52 7.62
N ARG B 149 -8.21 -26.68 8.09
CA ARG B 149 -9.60 -26.81 7.71
C ARG B 149 -10.15 -25.48 7.16
N PHE B 150 -11.02 -25.60 6.16
CA PHE B 150 -11.63 -24.45 5.52
C PHE B 150 -13.15 -24.51 5.60
N ASP B 151 -13.81 -23.36 5.47
CA ASP B 151 -15.25 -23.35 5.27
C ASP B 151 -15.53 -23.74 3.82
N ASP B 152 -16.79 -23.60 3.39
CA ASP B 152 -17.19 -24.00 2.04
C ASP B 152 -16.97 -22.88 1.03
N GLY B 153 -16.39 -21.78 1.49
CA GLY B 153 -16.05 -20.67 0.63
C GLY B 153 -17.23 -19.81 0.24
N ARG B 154 -16.93 -18.61 -0.24
CA ARG B 154 -17.95 -17.72 -0.76
C ARG B 154 -17.43 -17.06 -2.03
N GLU B 155 -18.36 -16.76 -2.93
CA GLU B 155 -18.01 -16.20 -4.22
C GLU B 155 -17.91 -14.69 -4.15
N VAL B 156 -16.85 -14.16 -4.75
CA VAL B 156 -16.62 -12.73 -4.78
C VAL B 156 -16.14 -12.35 -6.16
N GLU B 157 -16.23 -11.07 -6.49
CA GLU B 157 -15.48 -10.54 -7.60
C GLU B 157 -14.35 -9.68 -7.06
N LEU B 158 -13.20 -9.75 -7.72
CA LEU B 158 -12.03 -9.01 -7.27
C LEU B 158 -11.71 -7.87 -8.22
N LYS B 159 -11.47 -6.67 -7.67
CA LYS B 159 -11.18 -5.50 -8.50
C LYS B 159 -10.06 -5.78 -9.50
N GLY B 160 -10.31 -5.46 -10.76
CA GLY B 160 -9.29 -5.59 -11.79
C GLY B 160 -9.29 -6.92 -12.49
N PHE B 161 -10.05 -7.87 -11.94
CA PHE B 161 -10.12 -9.23 -12.48
C PHE B 161 -11.51 -9.52 -13.02
N SER B 162 -11.58 -10.35 -14.06
CA SER B 162 -12.85 -10.70 -14.65
C SER B 162 -13.35 -11.99 -14.00
N GLY B 163 -14.67 -12.13 -13.94
CA GLY B 163 -15.27 -13.35 -13.44
C GLY B 163 -15.35 -13.41 -11.93
N THR B 164 -15.71 -14.59 -11.43
CA THR B 164 -15.90 -14.78 -9.99
C THR B 164 -14.85 -15.71 -9.42
N TYR B 165 -14.52 -15.45 -8.16
CA TYR B 165 -13.53 -16.20 -7.42
C TYR B 165 -14.15 -16.67 -6.11
N ARG B 166 -13.83 -17.90 -5.73
CA ARG B 166 -14.29 -18.46 -4.47
C ARG B 166 -13.16 -18.39 -3.46
N LEU B 167 -13.44 -17.74 -2.34
CA LEU B 167 -12.44 -17.55 -1.29
C LEU B 167 -12.84 -18.32 -0.04
N PHE B 168 -11.85 -18.92 0.61
CA PHE B 168 -12.11 -19.82 1.73
C PHE B 168 -11.52 -19.32 3.02
N ALA B 169 -12.31 -19.30 4.08
CA ALA B 169 -11.82 -18.95 5.40
C ALA B 169 -11.16 -20.14 6.10
N VAL B 170 -10.01 -19.89 6.70
CA VAL B 170 -9.32 -20.87 7.54
C VAL B 170 -10.05 -21.03 8.86
N LEU B 171 -10.33 -22.27 9.23
CA LEU B 171 -10.92 -22.59 10.52
C LEU B 171 -9.85 -23.23 11.41
N ALA B 172 -9.38 -22.50 12.42
CA ALA B 172 -8.27 -22.98 13.23
C ALA B 172 -8.75 -23.68 14.50
N SER B 173 -7.93 -24.59 15.01
CA SER B 173 -8.23 -25.37 16.20
C SER B 173 -8.72 -24.48 17.36
#